data_2R2U
#
_entry.id   2R2U
#
_cell.length_a   55.689
_cell.length_b   146.191
_cell.length_c   46.931
_cell.angle_alpha   90.000
_cell.angle_beta   90.000
_cell.angle_gamma   90.000
#
_symmetry.space_group_name_H-M   'P 21 21 2'
#
loop_
_entity.id
_entity.type
_entity.pdbx_description
1 polymer "DNA (5'-D(*DAP*DTP*DTP*DTP*DAP*DGP*DT)-3')"
2 polymer "DNA (5'-D(P*DTP*DAP*DCP*DTP*DAP*DAP*DAP*DT)-3')"
3 polymer 'Reverse transcriptase'
4 non-polymer "N-(4-{[amino(imino)methyl]amino}butyl)-2,4'-bi-1,3-thiazole-4-carboxamide"
5 water water
#
loop_
_entity_poly.entity_id
_entity_poly.type
_entity_poly.pdbx_seq_one_letter_code
_entity_poly.pdbx_strand_id
1 'polydeoxyribonucleotide' (DA)(DT)(DT)(DT)(DA)(DG)(DT) B
2 'polydeoxyribonucleotide' (DT)(DA)(DC)(DT)(DA)(DA)(DA)(DT) G
3 'polypeptide(L)'
;TWLSDFPQAWAETGGMGLAVRQAPLIIPLKATSTPVSIKQYPMSQEARLGIKPHIQRLLDQGILVPCQSPWNTPLLPVKK
PGTNDYRPVQDLREVNKRVEDIHPTVPNPYNLLSGLPPSHQWYTVLDLKDAFFCLRLHPTSQPLFAFEWRDPEMGISGQL
TWTRLPQGFKNSPTLFDEALHRDLADFRIQHPDLILLQYVDDLLLAATSELDCQQGTRALLQTLGNLGYRASAKKAQICQ
KQVKYLGYLLKEGQR
;
A
#
# COMPACT_ATOMS: atom_id res chain seq x y z
N THR C 1 -23.42 -8.93 7.05
CA THR C 1 -23.05 -10.11 6.22
C THR C 1 -22.26 -9.69 4.99
N TRP C 2 -21.60 -8.54 5.08
CA TRP C 2 -20.81 -8.02 3.98
C TRP C 2 -19.71 -8.98 3.56
N LEU C 3 -19.11 -9.66 4.53
CA LEU C 3 -18.03 -10.60 4.25
C LEU C 3 -18.43 -11.64 3.20
N SER C 4 -19.60 -12.23 3.38
CA SER C 4 -20.09 -13.25 2.47
C SER C 4 -20.51 -12.72 1.10
N ASP C 5 -20.78 -11.41 1.01
CA ASP C 5 -21.19 -10.79 -0.25
C ASP C 5 -20.01 -10.37 -1.14
N PHE C 6 -18.85 -10.13 -0.54
CA PHE C 6 -17.68 -9.68 -1.30
C PHE C 6 -16.37 -10.33 -0.85
N PRO C 7 -16.20 -11.63 -1.13
CA PRO C 7 -14.98 -12.36 -0.74
C PRO C 7 -13.75 -11.82 -1.44
N GLN C 8 -13.93 -11.39 -2.69
CA GLN C 8 -12.85 -10.87 -3.51
C GLN C 8 -12.32 -9.53 -2.96
N ALA C 9 -13.21 -8.74 -2.38
CA ALA C 9 -12.84 -7.44 -1.84
C ALA C 9 -12.08 -7.43 -0.52
N TRP C 10 -12.24 -8.46 0.30
CA TRP C 10 -11.59 -8.49 1.60
C TRP C 10 -10.24 -9.20 1.64
N ALA C 11 -9.33 -8.66 2.44
CA ALA C 11 -8.00 -9.24 2.58
C ALA C 11 -8.05 -10.58 3.28
N GLU C 12 -8.96 -10.71 4.23
CA GLU C 12 -9.09 -11.96 4.98
C GLU C 12 -9.69 -13.11 4.16
N THR C 13 -10.06 -12.84 2.91
CA THR C 13 -10.66 -13.87 2.07
C THR C 13 -10.25 -13.87 0.59
N GLY C 14 -9.94 -12.70 0.05
CA GLY C 14 -9.58 -12.62 -1.36
C GLY C 14 -8.11 -12.89 -1.69
N GLY C 15 -7.30 -13.10 -0.67
CA GLY C 15 -5.89 -13.35 -0.90
C GLY C 15 -5.15 -12.05 -1.10
N MET C 16 -3.90 -12.12 -1.54
CA MET C 16 -3.09 -10.93 -1.79
C MET C 16 -3.66 -10.22 -3.02
N GLY C 17 -3.65 -8.89 -2.98
CA GLY C 17 -4.17 -8.13 -4.10
C GLY C 17 -3.14 -7.97 -5.21
N LEU C 18 -3.60 -7.48 -6.36
CA LEU C 18 -2.75 -7.27 -7.53
C LEU C 18 -3.61 -6.42 -8.46
N ALA C 19 -3.27 -5.13 -8.60
CA ALA C 19 -4.02 -4.22 -9.46
C ALA C 19 -3.83 -4.61 -10.92
N VAL C 20 -4.73 -5.49 -11.40
CA VAL C 20 -4.66 -6.00 -12.76
C VAL C 20 -4.72 -4.97 -13.89
N ARG C 21 -5.29 -3.80 -13.65
CA ARG C 21 -5.40 -2.79 -14.72
C ARG C 21 -4.24 -1.80 -14.77
N GLN C 22 -3.39 -1.86 -13.77
CA GLN C 22 -2.25 -0.95 -13.70
C GLN C 22 -1.00 -1.54 -14.32
N ALA C 23 -0.45 -0.84 -15.30
CA ALA C 23 0.76 -1.31 -15.94
C ALA C 23 1.93 -1.27 -14.95
N PRO C 24 2.88 -2.22 -15.08
CA PRO C 24 4.04 -2.24 -14.17
C PRO C 24 4.72 -0.87 -14.20
N LEU C 25 5.01 -0.35 -13.02
CA LEU C 25 5.61 0.97 -12.88
C LEU C 25 7.08 1.08 -13.21
N ILE C 26 7.43 2.10 -13.98
CA ILE C 26 8.82 2.34 -14.34
C ILE C 26 9.27 3.51 -13.47
N ILE C 27 10.41 3.39 -12.81
CA ILE C 27 10.90 4.44 -11.92
C ILE C 27 12.06 5.22 -12.56
N PRO C 28 11.80 6.44 -13.07
CA PRO C 28 12.93 7.17 -13.68
C PRO C 28 13.94 7.70 -12.65
N LEU C 29 15.21 7.57 -12.98
CA LEU C 29 16.29 8.04 -12.12
C LEU C 29 16.67 9.46 -12.51
N LYS C 30 17.32 10.18 -11.60
CA LYS C 30 17.77 11.54 -11.90
C LYS C 30 18.79 11.43 -13.02
N ALA C 31 19.08 12.53 -13.69
CA ALA C 31 20.02 12.56 -14.81
C ALA C 31 21.46 12.14 -14.52
N THR C 32 21.95 12.38 -13.30
CA THR C 32 23.33 12.03 -12.96
C THR C 32 23.51 10.76 -12.12
N SER C 33 22.44 10.01 -11.92
CA SER C 33 22.51 8.81 -11.09
C SER C 33 23.18 7.55 -11.66
N THR C 34 23.91 6.87 -10.77
CA THR C 34 24.59 5.60 -11.06
C THR C 34 24.23 4.70 -9.88
N PRO C 35 24.33 3.37 -10.05
CA PRO C 35 24.00 2.49 -8.94
C PRO C 35 24.80 2.73 -7.67
N VAL C 36 24.16 2.53 -6.53
CA VAL C 36 24.80 2.66 -5.23
C VAL C 36 24.60 1.29 -4.58
N SER C 37 25.69 0.74 -4.03
CA SER C 37 25.65 -0.57 -3.41
C SER C 37 26.24 -0.57 -2.01
N ILE C 38 25.37 -0.43 -1.02
CA ILE C 38 25.81 -0.43 0.37
C ILE C 38 25.73 -1.85 0.91
N LYS C 39 26.84 -2.32 1.44
CA LYS C 39 26.92 -3.69 1.97
C LYS C 39 26.05 -3.92 3.20
N GLN C 40 25.51 -5.12 3.31
CA GLN C 40 24.63 -5.48 4.41
C GLN C 40 25.40 -5.48 5.73
N TYR C 41 24.84 -4.82 6.75
CA TYR C 41 25.50 -4.78 8.06
C TYR C 41 25.21 -6.11 8.73
N PRO C 42 26.19 -6.69 9.44
CA PRO C 42 25.96 -7.98 10.10
C PRO C 42 24.69 -7.89 10.96
N MET C 43 23.89 -8.94 10.92
CA MET C 43 22.66 -8.98 11.68
C MET C 43 22.71 -10.15 12.66
N SER C 44 22.28 -9.90 13.90
CA SER C 44 22.29 -10.94 14.92
C SER C 44 21.37 -12.06 14.50
N GLN C 45 21.61 -13.24 15.06
CA GLN C 45 20.76 -14.39 14.77
C GLN C 45 19.32 -14.10 15.22
N GLU C 46 19.19 -13.50 16.40
CA GLU C 46 17.87 -13.16 16.93
C GLU C 46 17.02 -12.38 15.94
N ALA C 47 17.61 -11.35 15.33
CA ALA C 47 16.89 -10.52 14.38
C ALA C 47 16.63 -11.29 13.09
N ARG C 48 17.64 -12.00 12.63
CA ARG C 48 17.55 -12.80 11.41
C ARG C 48 16.47 -13.87 11.52
N LEU C 49 16.31 -14.44 12.71
CA LEU C 49 15.30 -15.46 12.95
C LEU C 49 13.92 -14.82 12.94
N GLY C 50 13.84 -13.60 13.47
CA GLY C 50 12.57 -12.90 13.50
C GLY C 50 12.13 -12.50 12.10
N ILE C 51 13.07 -11.96 11.34
CA ILE C 51 12.83 -11.51 9.98
C ILE C 51 12.54 -12.60 8.96
N LYS C 52 13.22 -13.74 9.11
CA LYS C 52 13.08 -14.87 8.18
C LYS C 52 11.67 -15.21 7.69
N PRO C 53 10.71 -15.47 8.60
CA PRO C 53 9.36 -15.82 8.16
C PRO C 53 8.74 -14.83 7.18
N HIS C 54 8.98 -13.53 7.41
CA HIS C 54 8.44 -12.50 6.54
C HIS C 54 8.99 -12.60 5.13
N ILE C 55 10.31 -12.77 5.02
CA ILE C 55 10.95 -12.88 3.72
C ILE C 55 10.45 -14.11 2.96
N GLN C 56 10.32 -15.23 3.67
CA GLN C 56 9.86 -16.48 3.07
C GLN C 56 8.44 -16.29 2.52
N ARG C 57 7.58 -15.70 3.35
CA ARG C 57 6.21 -15.45 2.92
C ARG C 57 6.24 -14.61 1.63
N LEU C 58 7.07 -13.57 1.63
CA LEU C 58 7.18 -12.70 0.48
C LEU C 58 7.71 -13.40 -0.79
N LEU C 59 8.66 -14.33 -0.61
CA LEU C 59 9.18 -15.07 -1.75
C LEU C 59 8.08 -15.99 -2.25
N ASP C 60 7.38 -16.63 -1.32
CA ASP C 60 6.28 -17.53 -1.68
C ASP C 60 5.23 -16.77 -2.50
N GLN C 61 4.87 -15.57 -2.05
CA GLN C 61 3.88 -14.76 -2.76
C GLN C 61 4.44 -14.12 -4.03
N GLY C 62 5.74 -14.31 -4.26
CA GLY C 62 6.36 -13.74 -5.45
C GLY C 62 6.54 -12.24 -5.39
N ILE C 63 6.40 -11.66 -4.21
CA ILE C 63 6.56 -10.22 -4.04
C ILE C 63 8.06 -9.92 -4.00
N LEU C 64 8.84 -10.92 -3.61
CA LEU C 64 10.28 -10.83 -3.57
C LEU C 64 10.82 -11.91 -4.50
N VAL C 65 11.86 -11.59 -5.26
CA VAL C 65 12.48 -12.55 -6.17
C VAL C 65 14.00 -12.41 -6.13
N PRO C 66 14.72 -13.50 -6.45
CA PRO C 66 16.19 -13.50 -6.47
C PRO C 66 16.64 -12.61 -7.62
N CYS C 67 17.79 -11.99 -7.49
CA CYS C 67 18.29 -11.15 -8.56
C CYS C 67 19.73 -10.82 -8.28
N GLN C 68 20.43 -10.36 -9.31
CA GLN C 68 21.80 -9.94 -9.16
C GLN C 68 21.74 -8.48 -9.62
N SER C 69 22.10 -7.57 -8.74
CA SER C 69 22.01 -6.16 -9.09
C SER C 69 23.14 -5.29 -8.57
N PRO C 70 23.56 -4.31 -9.39
CA PRO C 70 24.63 -3.37 -9.05
C PRO C 70 24.12 -2.43 -7.95
N TRP C 71 22.82 -2.55 -7.65
CA TRP C 71 22.19 -1.75 -6.60
C TRP C 71 22.03 -2.64 -5.37
N ASN C 72 22.19 -2.04 -4.19
CA ASN C 72 22.01 -2.79 -2.96
C ASN C 72 21.91 -1.82 -1.78
N THR C 73 20.91 -2.04 -0.94
CA THR C 73 20.71 -1.22 0.24
C THR C 73 20.52 -2.19 1.40
N PRO C 74 20.86 -1.75 2.61
CA PRO C 74 20.76 -2.54 3.84
C PRO C 74 19.37 -2.80 4.41
N LEU C 75 19.17 -4.03 4.86
CA LEU C 75 17.91 -4.43 5.48
C LEU C 75 18.14 -4.16 6.97
N LEU C 76 17.16 -3.55 7.63
CA LEU C 76 17.29 -3.26 9.05
C LEU C 76 16.32 -4.06 9.91
N PRO C 77 16.77 -4.54 11.08
CA PRO C 77 15.94 -5.31 12.01
C PRO C 77 15.21 -4.32 12.92
N VAL C 78 13.89 -4.26 12.84
CA VAL C 78 13.13 -3.31 13.67
C VAL C 78 11.98 -3.97 14.42
N LYS C 79 11.68 -3.43 15.60
CA LYS C 79 10.58 -3.91 16.44
C LYS C 79 10.07 -2.75 17.29
N LYS C 80 8.74 -2.61 17.36
CA LYS C 80 8.14 -1.51 18.13
C LYS C 80 8.10 -1.71 19.66
N PRO C 81 7.19 -2.55 20.19
CA PRO C 81 7.17 -2.73 21.65
C PRO C 81 8.52 -3.16 22.24
N GLY C 82 8.54 -3.40 23.55
CA GLY C 82 9.76 -3.80 24.23
C GLY C 82 10.53 -4.91 23.55
N THR C 83 10.31 -6.16 23.98
CA THR C 83 10.98 -7.30 23.37
C THR C 83 10.52 -7.36 21.92
N ASN C 84 9.20 -7.39 21.75
CA ASN C 84 8.56 -7.42 20.44
C ASN C 84 9.23 -8.31 19.40
N ASP C 85 8.59 -8.43 18.24
CA ASP C 85 9.13 -9.24 17.17
C ASP C 85 9.69 -8.38 16.06
N TYR C 86 10.80 -8.83 15.49
CA TYR C 86 11.48 -8.11 14.42
C TYR C 86 10.78 -8.21 13.08
N ARG C 87 10.88 -7.14 12.29
CA ARG C 87 10.29 -7.10 10.96
C ARG C 87 11.26 -6.34 10.05
N PRO C 88 11.41 -6.80 8.79
CA PRO C 88 12.30 -6.17 7.82
C PRO C 88 11.95 -4.75 7.47
N VAL C 89 12.93 -3.86 7.57
CA VAL C 89 12.74 -2.46 7.22
C VAL C 89 13.98 -2.06 6.42
N GLN C 90 13.80 -1.98 5.11
CA GLN C 90 14.88 -1.64 4.19
C GLN C 90 15.22 -0.15 4.18
N ASP C 91 16.52 0.16 4.27
CA ASP C 91 16.99 1.54 4.27
C ASP C 91 17.19 1.98 2.83
N LEU C 92 16.15 2.56 2.24
CA LEU C 92 16.21 2.97 0.85
C LEU C 92 16.59 4.44 0.62
N ARG C 93 17.11 5.09 1.65
CA ARG C 93 17.48 6.50 1.51
C ARG C 93 18.42 6.82 0.36
N GLU C 94 19.47 6.02 0.15
CA GLU C 94 20.41 6.29 -0.94
C GLU C 94 19.77 6.05 -2.32
N VAL C 95 18.74 5.21 -2.34
CA VAL C 95 18.02 4.95 -3.58
C VAL C 95 17.17 6.19 -3.84
N ASN C 96 16.48 6.67 -2.80
CA ASN C 96 15.62 7.85 -2.90
C ASN C 96 16.34 9.09 -3.46
N LYS C 97 17.57 9.33 -3.01
CA LYS C 97 18.37 10.47 -3.48
C LYS C 97 18.65 10.42 -4.98
N ARG C 98 18.68 9.22 -5.55
CA ARG C 98 18.97 9.04 -6.98
C ARG C 98 17.76 8.89 -7.89
N VAL C 99 16.57 8.89 -7.30
CA VAL C 99 15.33 8.74 -8.05
C VAL C 99 14.73 10.11 -8.32
N GLU C 100 14.38 10.36 -9.59
CA GLU C 100 13.82 11.64 -9.97
C GLU C 100 12.57 11.97 -9.16
N ASP C 101 12.50 13.21 -8.69
CA ASP C 101 11.35 13.66 -7.90
C ASP C 101 10.11 13.79 -8.75
N ILE C 102 8.95 13.61 -8.12
CA ILE C 102 7.68 13.75 -8.81
C ILE C 102 6.84 14.71 -7.98
N HIS C 103 5.91 15.39 -8.62
CA HIS C 103 5.06 16.33 -7.90
C HIS C 103 4.24 15.62 -6.84
N PRO C 104 4.18 16.18 -5.62
CA PRO C 104 3.41 15.60 -4.53
C PRO C 104 1.94 15.92 -4.82
N THR C 105 1.15 14.95 -5.24
CA THR C 105 -0.26 15.23 -5.56
C THR C 105 -1.24 14.83 -4.47
N VAL C 106 -0.78 14.09 -3.47
CA VAL C 106 -1.66 13.68 -2.39
C VAL C 106 -1.90 14.90 -1.50
N PRO C 107 -3.18 15.27 -1.31
CA PRO C 107 -3.55 16.43 -0.49
C PRO C 107 -3.42 16.11 1.00
N ASN C 108 -3.16 17.13 1.82
CA ASN C 108 -3.05 16.90 3.26
C ASN C 108 -4.45 16.61 3.79
N PRO C 109 -4.55 15.79 4.86
CA PRO C 109 -5.85 15.45 5.45
C PRO C 109 -6.77 16.65 5.69
N TYR C 110 -6.19 17.77 6.14
CA TYR C 110 -6.97 18.97 6.41
C TYR C 110 -7.73 19.41 5.16
N ASN C 111 -7.00 19.69 4.08
CA ASN C 111 -7.64 20.11 2.84
C ASN C 111 -8.55 19.04 2.26
N LEU C 112 -8.14 17.78 2.37
CA LEU C 112 -8.95 16.69 1.84
C LEU C 112 -10.33 16.67 2.48
N LEU C 113 -10.38 16.92 3.78
CA LEU C 113 -11.63 16.91 4.51
C LEU C 113 -12.57 18.09 4.23
N SER C 114 -12.01 19.23 3.86
CA SER C 114 -12.84 20.40 3.57
C SER C 114 -13.72 20.16 2.34
N GLY C 115 -13.46 19.07 1.63
CA GLY C 115 -14.23 18.75 0.44
C GLY C 115 -15.41 17.84 0.74
N LEU C 116 -15.85 17.84 2.01
CA LEU C 116 -16.97 17.01 2.43
C LEU C 116 -18.17 17.89 2.78
N PRO C 117 -19.23 17.82 1.96
CA PRO C 117 -20.47 18.58 2.15
C PRO C 117 -21.27 18.18 3.39
N PRO C 118 -21.79 19.18 4.13
CA PRO C 118 -22.58 18.98 5.35
C PRO C 118 -23.77 18.04 5.19
N SER C 119 -24.33 17.98 3.99
CA SER C 119 -25.47 17.12 3.73
C SER C 119 -25.12 15.63 3.86
N HIS C 120 -23.98 15.24 3.31
CA HIS C 120 -23.54 13.85 3.38
C HIS C 120 -23.13 13.44 4.79
N GLN C 121 -24.06 12.79 5.50
CA GLN C 121 -23.84 12.36 6.87
C GLN C 121 -23.49 10.88 7.05
N TRP C 122 -23.88 10.04 6.09
CA TRP C 122 -23.57 8.62 6.19
C TRP C 122 -22.18 8.32 5.62
N TYR C 123 -21.35 7.66 6.43
CA TYR C 123 -19.98 7.36 6.06
C TYR C 123 -19.64 5.88 5.99
N THR C 124 -18.48 5.62 5.40
CA THR C 124 -17.94 4.27 5.24
C THR C 124 -16.45 4.48 5.06
N VAL C 125 -15.65 3.93 5.97
CA VAL C 125 -14.21 4.07 5.90
C VAL C 125 -13.51 2.73 5.67
N LEU C 126 -12.67 2.70 4.64
CA LEU C 126 -11.92 1.49 4.31
C LEU C 126 -10.45 1.82 4.32
N ASP C 127 -9.65 0.81 4.63
CA ASP C 127 -8.20 0.95 4.65
C ASP C 127 -7.71 -0.20 3.81
N LEU C 128 -7.06 0.10 2.69
CA LEU C 128 -6.58 -0.95 1.82
C LEU C 128 -5.40 -1.64 2.48
N LYS C 129 -5.39 -2.97 2.39
CA LYS C 129 -4.33 -3.75 2.99
C LYS C 129 -3.19 -3.97 2.00
N ASP C 130 -1.96 -3.78 2.45
CA ASP C 130 -0.77 -3.97 1.62
C ASP C 130 -0.96 -3.31 0.26
N ALA C 131 -1.45 -2.08 0.31
CA ALA C 131 -1.74 -1.29 -0.88
C ALA C 131 -0.60 -1.23 -1.88
N PHE C 132 0.58 -0.79 -1.43
CA PHE C 132 1.72 -0.70 -2.35
C PHE C 132 2.00 -2.03 -3.05
N PHE C 133 1.99 -3.13 -2.30
CA PHE C 133 2.27 -4.43 -2.93
C PHE C 133 1.30 -4.81 -4.04
N CYS C 134 0.18 -4.09 -4.14
CA CYS C 134 -0.78 -4.39 -5.19
C CYS C 134 -0.27 -3.85 -6.51
N LEU C 135 0.59 -2.84 -6.44
CA LEU C 135 1.18 -2.23 -7.64
C LEU C 135 2.46 -2.90 -8.10
N ARG C 136 2.48 -3.37 -9.35
CA ARG C 136 3.67 -4.03 -9.90
C ARG C 136 4.78 -3.07 -10.30
N LEU C 137 6.01 -3.58 -10.35
CA LEU C 137 7.18 -2.81 -10.78
C LEU C 137 7.65 -3.38 -12.10
N HIS C 138 7.95 -2.51 -13.05
CA HIS C 138 8.45 -2.97 -14.33
C HIS C 138 9.77 -3.70 -14.06
N PRO C 139 10.05 -4.78 -14.79
CA PRO C 139 11.28 -5.54 -14.60
C PRO C 139 12.53 -4.67 -14.74
N THR C 140 12.43 -3.58 -15.49
CA THR C 140 13.58 -2.69 -15.66
C THR C 140 13.86 -1.88 -14.40
N SER C 141 12.84 -1.66 -13.57
CA SER C 141 13.00 -0.89 -12.34
C SER C 141 13.23 -1.77 -11.09
N GLN C 142 12.94 -3.06 -11.23
CA GLN C 142 13.11 -4.00 -10.11
C GLN C 142 14.50 -4.04 -9.47
N PRO C 143 15.58 -4.13 -10.28
CA PRO C 143 16.96 -4.19 -9.75
C PRO C 143 17.30 -3.08 -8.74
N LEU C 144 16.69 -1.94 -8.95
CA LEU C 144 16.89 -0.77 -8.13
C LEU C 144 16.76 -0.96 -6.62
N PHE C 145 15.83 -1.83 -6.19
CA PHE C 145 15.56 -2.04 -4.78
C PHE C 145 16.13 -3.31 -4.13
N ALA C 146 17.13 -3.90 -4.78
CA ALA C 146 17.73 -5.12 -4.28
C ALA C 146 18.39 -4.97 -2.90
N PHE C 147 18.44 -6.08 -2.17
CA PHE C 147 19.07 -6.11 -0.85
C PHE C 147 19.62 -7.51 -0.67
N GLU C 148 20.59 -7.65 0.24
CA GLU C 148 21.21 -8.93 0.51
C GLU C 148 20.46 -9.78 1.53
N TRP C 149 20.37 -11.06 1.25
CA TRP C 149 19.72 -11.99 2.16
C TRP C 149 20.45 -13.33 2.16
N ARG C 150 21.32 -13.53 3.12
CA ARG C 150 22.07 -14.78 3.24
C ARG C 150 21.53 -15.55 4.43
N ASP C 151 21.30 -16.84 4.22
CA ASP C 151 20.79 -17.72 5.27
C ASP C 151 21.95 -18.62 5.74
N PRO C 152 22.41 -18.42 6.99
CA PRO C 152 23.52 -19.22 7.51
C PRO C 152 23.25 -20.73 7.44
N GLU C 153 21.99 -21.08 7.16
CA GLU C 153 21.58 -22.47 7.04
C GLU C 153 21.08 -22.66 5.61
N MET C 154 22.03 -22.88 4.69
CA MET C 154 21.71 -23.04 3.27
C MET C 154 21.07 -21.73 2.83
N GLY C 155 21.90 -20.72 2.62
CA GLY C 155 21.39 -19.43 2.20
C GLY C 155 21.17 -19.29 0.71
N ILE C 156 19.99 -18.80 0.33
CA ILE C 156 19.67 -18.60 -1.07
C ILE C 156 20.72 -17.65 -1.64
N SER C 157 21.24 -17.95 -2.83
CA SER C 157 22.26 -17.15 -3.48
C SER C 157 22.72 -15.94 -2.65
N GLY C 158 22.29 -14.75 -3.05
CA GLY C 158 22.69 -13.55 -2.32
C GLY C 158 21.63 -12.48 -2.25
N GLN C 159 21.31 -11.86 -3.38
CA GLN C 159 20.33 -10.79 -3.40
C GLN C 159 18.89 -11.16 -3.77
N LEU C 160 17.98 -10.31 -3.32
CA LEU C 160 16.56 -10.44 -3.60
C LEU C 160 16.10 -9.02 -3.88
N THR C 161 15.03 -8.87 -4.65
CA THR C 161 14.48 -7.53 -4.88
C THR C 161 12.97 -7.64 -5.03
N TRP C 162 12.30 -6.49 -4.99
CA TRP C 162 10.85 -6.43 -5.09
C TRP C 162 10.25 -6.43 -6.51
N THR C 163 9.11 -7.09 -6.67
CA THR C 163 8.41 -7.10 -7.96
C THR C 163 7.18 -6.19 -7.84
N ARG C 164 7.02 -5.58 -6.65
CA ARG C 164 5.92 -4.65 -6.37
C ARG C 164 6.47 -3.33 -5.81
N LEU C 165 5.63 -2.30 -5.77
CA LEU C 165 6.03 -1.01 -5.25
C LEU C 165 6.44 -1.23 -3.79
N PRO C 166 7.67 -0.83 -3.43
CA PRO C 166 8.09 -1.07 -2.04
C PRO C 166 7.87 0.00 -0.98
N GLN C 167 7.97 -0.45 0.27
CA GLN C 167 7.86 0.41 1.45
C GLN C 167 9.22 1.10 1.56
N GLY C 168 9.24 2.31 2.10
CA GLY C 168 10.50 3.02 2.23
C GLY C 168 10.86 3.84 1.01
N PHE C 169 10.24 3.54 -0.14
CA PHE C 169 10.53 4.28 -1.38
C PHE C 169 9.74 5.59 -1.33
N LYS C 170 10.46 6.72 -1.37
CA LYS C 170 9.85 8.04 -1.28
C LYS C 170 8.62 8.31 -2.16
N ASN C 171 8.57 7.75 -3.38
CA ASN C 171 7.42 8.00 -4.24
C ASN C 171 6.25 6.99 -4.16
N SER C 172 6.38 5.93 -3.37
CA SER C 172 5.30 4.96 -3.29
C SER C 172 3.93 5.57 -2.93
N PRO C 173 3.85 6.36 -1.85
CA PRO C 173 2.56 6.96 -1.48
C PRO C 173 1.86 7.68 -2.63
N THR C 174 2.57 8.60 -3.26
CA THR C 174 2.04 9.36 -4.38
C THR C 174 1.70 8.45 -5.55
N LEU C 175 2.60 7.56 -5.92
CA LEU C 175 2.31 6.65 -7.03
C LEU C 175 1.09 5.78 -6.73
N PHE C 176 0.92 5.35 -5.48
CA PHE C 176 -0.25 4.53 -5.19
C PHE C 176 -1.52 5.37 -5.29
N ASP C 177 -1.52 6.57 -4.69
CA ASP C 177 -2.68 7.46 -4.72
C ASP C 177 -3.12 7.73 -6.18
N GLU C 178 -2.17 8.03 -7.06
CA GLU C 178 -2.48 8.30 -8.45
C GLU C 178 -3.03 7.07 -9.18
N ALA C 179 -2.39 5.91 -8.99
CA ALA C 179 -2.84 4.69 -9.62
C ALA C 179 -4.29 4.37 -9.21
N LEU C 180 -4.58 4.50 -7.92
CA LEU C 180 -5.92 4.23 -7.40
C LEU C 180 -6.91 5.26 -7.94
N HIS C 181 -6.47 6.50 -8.10
CA HIS C 181 -7.36 7.52 -8.65
C HIS C 181 -7.75 7.14 -10.07
N ARG C 182 -6.82 6.56 -10.82
CA ARG C 182 -7.11 6.16 -12.20
C ARG C 182 -8.13 5.04 -12.23
N ASP C 183 -8.03 4.11 -11.28
CA ASP C 183 -8.96 2.98 -11.23
C ASP C 183 -10.33 3.35 -10.66
N LEU C 184 -10.40 4.33 -9.78
CA LEU C 184 -11.69 4.72 -9.21
C LEU C 184 -12.37 5.86 -9.95
N ALA C 185 -11.81 6.28 -11.09
CA ALA C 185 -12.41 7.36 -11.86
C ALA C 185 -13.78 6.95 -12.38
N ASP C 186 -13.85 5.78 -13.00
CA ASP C 186 -15.10 5.29 -13.54
C ASP C 186 -16.17 5.18 -12.45
N PHE C 187 -15.78 4.66 -11.29
CA PHE C 187 -16.71 4.52 -10.17
C PHE C 187 -17.30 5.87 -9.80
N ARG C 188 -16.46 6.90 -9.76
CA ARG C 188 -16.88 8.26 -9.42
C ARG C 188 -17.94 8.77 -10.40
N ILE C 189 -17.76 8.44 -11.66
CA ILE C 189 -18.67 8.87 -12.71
C ILE C 189 -20.00 8.14 -12.62
N GLN C 190 -19.98 6.90 -12.13
CA GLN C 190 -21.18 6.10 -12.01
C GLN C 190 -21.99 6.45 -10.76
N HIS C 191 -21.34 7.11 -9.81
CA HIS C 191 -22.00 7.50 -8.56
C HIS C 191 -21.68 8.95 -8.23
N PRO C 192 -22.23 9.89 -9.00
CA PRO C 192 -22.01 11.33 -8.81
C PRO C 192 -22.59 11.81 -7.49
N ASP C 193 -23.58 11.07 -6.99
CA ASP C 193 -24.22 11.43 -5.74
C ASP C 193 -23.40 11.02 -4.51
N LEU C 194 -22.29 10.32 -4.75
CA LEU C 194 -21.44 9.89 -3.64
C LEU C 194 -20.18 10.75 -3.54
N ILE C 195 -19.66 10.88 -2.32
CA ILE C 195 -18.45 11.66 -2.07
C ILE C 195 -17.34 10.71 -1.63
N LEU C 196 -16.28 10.61 -2.42
CA LEU C 196 -15.17 9.71 -2.09
C LEU C 196 -13.86 10.44 -1.91
N LEU C 197 -13.29 10.33 -0.71
CA LEU C 197 -12.01 10.94 -0.41
C LEU C 197 -10.95 9.84 -0.41
N GLN C 198 -9.81 10.10 -1.07
CA GLN C 198 -8.72 9.14 -1.12
C GLN C 198 -7.45 9.74 -0.55
N TYR C 199 -6.91 9.07 0.46
CA TYR C 199 -5.66 9.49 1.07
C TYR C 199 -4.80 8.23 1.01
N VAL C 200 -4.10 8.07 -0.10
CA VAL C 200 -3.25 6.88 -0.32
C VAL C 200 -4.09 5.61 -0.14
N ASP C 201 -3.91 4.91 0.98
CA ASP C 201 -4.66 3.68 1.22
C ASP C 201 -5.91 3.85 2.10
N ASP C 202 -6.11 5.05 2.64
CA ASP C 202 -7.27 5.33 3.49
C ASP C 202 -8.43 5.91 2.67
N LEU C 203 -9.53 5.18 2.63
CA LEU C 203 -10.70 5.62 1.87
C LEU C 203 -11.90 6.00 2.72
N LEU C 204 -12.63 7.01 2.26
CA LEU C 204 -13.83 7.46 2.94
C LEU C 204 -14.93 7.70 1.91
N LEU C 205 -16.01 6.95 2.05
CA LEU C 205 -17.14 7.09 1.15
C LEU C 205 -18.27 7.75 1.94
N ALA C 206 -18.72 8.91 1.47
CA ALA C 206 -19.78 9.65 2.13
C ALA C 206 -21.02 9.76 1.24
N ALA C 207 -22.13 9.21 1.72
CA ALA C 207 -23.39 9.23 1.00
C ALA C 207 -24.33 10.21 1.71
N THR C 208 -25.63 9.99 1.59
CA THR C 208 -26.57 10.89 2.24
C THR C 208 -27.54 10.12 3.13
N SER C 209 -27.85 8.89 2.73
CA SER C 209 -28.77 8.04 3.48
C SER C 209 -28.26 6.61 3.55
N GLU C 210 -28.56 5.93 4.65
CA GLU C 210 -28.14 4.55 4.86
C GLU C 210 -28.32 3.69 3.62
N LEU C 211 -29.25 4.09 2.76
CA LEU C 211 -29.54 3.36 1.53
C LEU C 211 -28.44 3.58 0.48
N ASP C 212 -28.19 4.84 0.16
CA ASP C 212 -27.17 5.20 -0.83
C ASP C 212 -25.81 4.67 -0.39
N CYS C 213 -25.61 4.61 0.92
CA CYS C 213 -24.36 4.14 1.47
C CYS C 213 -24.21 2.63 1.24
N GLN C 214 -25.22 1.87 1.59
CA GLN C 214 -25.18 0.42 1.41
C GLN C 214 -25.09 0.06 -0.07
N GLN C 215 -25.65 0.91 -0.92
CA GLN C 215 -25.61 0.69 -2.36
C GLN C 215 -24.28 1.16 -2.92
N GLY C 216 -23.76 2.24 -2.37
CA GLY C 216 -22.49 2.76 -2.84
C GLY C 216 -21.33 1.92 -2.35
N THR C 217 -21.45 1.45 -1.10
CA THR C 217 -20.43 0.62 -0.49
C THR C 217 -20.30 -0.71 -1.22
N ARG C 218 -21.43 -1.38 -1.43
CA ARG C 218 -21.41 -2.66 -2.14
C ARG C 218 -20.79 -2.49 -3.52
N ALA C 219 -21.04 -1.34 -4.13
CA ALA C 219 -20.50 -1.04 -5.44
C ALA C 219 -19.00 -0.83 -5.32
N LEU C 220 -18.59 -0.03 -4.33
CA LEU C 220 -17.18 0.26 -4.12
C LEU C 220 -16.39 -1.01 -3.79
N LEU C 221 -16.95 -1.84 -2.92
CA LEU C 221 -16.28 -3.08 -2.55
C LEU C 221 -16.13 -3.94 -3.79
N GLN C 222 -17.23 -4.13 -4.50
CA GLN C 222 -17.25 -4.95 -5.70
C GLN C 222 -16.26 -4.41 -6.73
N THR C 223 -16.16 -3.09 -6.82
CA THR C 223 -15.23 -2.46 -7.76
C THR C 223 -13.79 -2.67 -7.30
N LEU C 224 -13.52 -2.42 -6.02
CA LEU C 224 -12.18 -2.58 -5.48
C LEU C 224 -11.67 -4.00 -5.62
N GLY C 225 -12.48 -4.97 -5.23
CA GLY C 225 -12.09 -6.36 -5.32
C GLY C 225 -11.87 -6.79 -6.75
N ASN C 226 -12.69 -6.28 -7.65
CA ASN C 226 -12.62 -6.58 -9.07
C ASN C 226 -11.32 -6.07 -9.69
N LEU C 227 -10.86 -4.93 -9.20
CA LEU C 227 -9.64 -4.32 -9.71
C LEU C 227 -8.38 -4.96 -9.14
N GLY C 228 -8.54 -5.73 -8.05
CA GLY C 228 -7.39 -6.40 -7.45
C GLY C 228 -6.94 -5.88 -6.09
N TYR C 229 -7.62 -4.88 -5.54
CA TYR C 229 -7.26 -4.34 -4.24
C TYR C 229 -7.97 -5.15 -3.14
N ARG C 230 -7.52 -4.98 -1.90
CA ARG C 230 -8.11 -5.70 -0.77
C ARG C 230 -8.26 -4.79 0.44
N ALA C 231 -9.45 -4.82 1.02
CA ALA C 231 -9.75 -3.99 2.19
C ALA C 231 -9.70 -4.82 3.46
N SER C 232 -9.39 -4.17 4.57
CA SER C 232 -9.33 -4.84 5.86
C SER C 232 -10.75 -4.97 6.41
N ALA C 233 -11.27 -6.20 6.44
CA ALA C 233 -12.60 -6.45 6.96
C ALA C 233 -12.62 -6.12 8.45
N LYS C 234 -11.49 -6.37 9.10
CA LYS C 234 -11.36 -6.13 10.53
C LYS C 234 -11.54 -4.66 10.94
N LYS C 235 -10.83 -3.76 10.27
CA LYS C 235 -10.89 -2.34 10.61
C LYS C 235 -11.99 -1.58 9.87
N ALA C 236 -12.78 -2.31 9.09
CA ALA C 236 -13.85 -1.69 8.31
C ALA C 236 -14.96 -1.03 9.13
N GLN C 237 -15.29 0.21 8.74
CA GLN C 237 -16.35 0.99 9.38
C GLN C 237 -17.39 1.25 8.28
N ILE C 238 -18.32 0.31 8.14
CA ILE C 238 -19.35 0.40 7.10
C ILE C 238 -20.63 1.15 7.50
N CYS C 239 -21.18 1.89 6.54
CA CYS C 239 -22.42 2.65 6.71
C CYS C 239 -22.68 3.12 8.13
N GLN C 240 -21.88 4.09 8.58
CA GLN C 240 -22.04 4.64 9.93
C GLN C 240 -22.23 6.15 9.82
N LYS C 241 -22.56 6.79 10.93
CA LYS C 241 -22.76 8.23 10.96
C LYS C 241 -21.68 8.84 11.85
N GLN C 242 -20.72 8.00 12.23
CA GLN C 242 -19.62 8.41 13.10
C GLN C 242 -18.44 7.48 12.85
N VAL C 243 -17.45 7.96 12.11
CA VAL C 243 -16.28 7.14 11.81
C VAL C 243 -14.97 7.82 12.15
N LYS C 244 -13.89 7.04 12.14
CA LYS C 244 -12.55 7.54 12.43
C LYS C 244 -11.74 7.48 11.14
N TYR C 245 -11.47 8.64 10.56
CA TYR C 245 -10.72 8.73 9.30
C TYR C 245 -9.58 9.74 9.42
N LEU C 246 -8.40 9.34 8.94
CA LEU C 246 -7.21 10.18 8.96
C LEU C 246 -6.94 10.88 10.28
N GLY C 247 -7.28 10.21 11.38
CA GLY C 247 -7.06 10.79 12.69
C GLY C 247 -8.28 11.48 13.28
N TYR C 248 -9.00 12.21 12.44
CA TYR C 248 -10.18 12.93 12.90
C TYR C 248 -11.37 12.01 13.18
N LEU C 249 -12.35 12.57 13.89
CA LEU C 249 -13.58 11.87 14.21
C LEU C 249 -14.67 12.68 13.53
N LEU C 250 -15.33 12.07 12.56
CA LEU C 250 -16.41 12.74 11.84
C LEU C 250 -17.77 12.39 12.42
N LYS C 251 -18.21 13.21 13.35
CA LYS C 251 -19.50 13.04 13.99
C LYS C 251 -20.27 14.31 13.71
N GLU C 252 -21.43 14.17 13.07
CA GLU C 252 -22.25 15.32 12.72
C GLU C 252 -21.43 16.28 11.86
N GLY C 253 -20.40 15.74 11.21
CA GLY C 253 -19.55 16.55 10.36
C GLY C 253 -19.01 17.80 11.05
N GLN C 254 -18.08 17.60 11.99
CA GLN C 254 -17.50 18.73 12.71
C GLN C 254 -15.98 18.78 12.57
N ARG C 255 -15.32 17.67 12.84
CA ARG C 255 -13.87 17.61 12.73
C ARG C 255 -13.48 17.42 11.27
#